data_7EML
#
_entry.id   7EML
#
_cell.length_a   181.937
_cell.length_b   181.937
_cell.length_c   181.937
_cell.angle_alpha   90.000
_cell.angle_beta   90.000
_cell.angle_gamma   90.000
#
_symmetry.space_group_name_H-M   'F 4 3 2'
#
loop_
_entity.id
_entity.type
_entity.pdbx_description
1 polymer 'Ferritin light chain'
2 non-polymer [(1,2,3,4,5-Eta)-1,2,3,4,5-Pentamethylcyclopentadienyl]iridium(III)
3 non-polymer 1,2-ETHANEDIOL
4 non-polymer 'SULFATE ION'
5 non-polymer 'CADMIUM ION'
6 non-polymer 'CHLORIDE ION'
7 non-polymer 'IRIDIUM ION'
8 water water
#
_entity_poly.entity_id   1
_entity_poly.type   'polypeptide(L)'
_entity_poly.pdbx_seq_one_letter_code
;SSQIRQNYSTEVEAAVNRLVNLYLRASYTYLSLGFYFHRDDVALEGVCHFFRELAEEKREGAERLLKMQNQRGGRALFQD
LQKPSQDEWGTTLDAMKAAIVLEKSLNQALLDLHALGSAQADPHLCDFLESHFLDEEVKLIKKMGDHLTNIQRLVGSQAG
LGEYLFERLTLKHD
;
_entity_poly.pdbx_strand_id   A
#
loop_
_chem_comp.id
_chem_comp.type
_chem_comp.name
_chem_comp.formula
CD non-polymer 'CADMIUM ION' 'Cd 2'
CL non-polymer 'CHLORIDE ION' 'Cl -1'
EDO non-polymer 1,2-ETHANEDIOL 'C2 H6 O2'
IR non-polymer 'IRIDIUM ION' 'Ir 4'
RIR non-polymer [(1,2,3,4,5-Eta)-1,2,3,4,5-Pentamethylcyclopentadienyl]iridium(III) 'C10 H15 Ir'
SO4 non-polymer 'SULFATE ION' 'O4 S -2'
#
# COMPACT_ATOMS: atom_id res chain seq x y z
N SER A 1 25.05 -9.54 7.72
CA SER A 1 26.19 -9.38 8.60
CA SER A 1 26.26 -9.50 8.55
C SER A 1 27.29 -8.60 7.91
N SER A 2 28.26 -8.29 8.75
CA SER A 2 29.54 -7.65 8.48
C SER A 2 30.24 -8.47 7.41
N GLN A 3 29.88 -9.77 7.14
CA GLN A 3 30.67 -10.45 6.08
C GLN A 3 30.29 -9.90 4.70
N ILE A 4 29.06 -9.50 4.49
CA ILE A 4 28.64 -9.03 3.15
C ILE A 4 28.38 -7.53 3.13
N ARG A 5 28.10 -6.94 4.24
CA ARG A 5 27.54 -5.58 4.22
C ARG A 5 28.54 -4.61 3.64
N GLN A 6 28.11 -3.77 2.73
CA GLN A 6 29.01 -2.80 2.08
C GLN A 6 28.16 -1.63 1.63
N ASN A 7 28.53 -0.43 2.01
CA ASN A 7 27.82 0.80 1.61
C ASN A 7 26.37 0.80 2.06
N TYR A 8 26.07 0.17 3.19
CA TYR A 8 24.67 0.05 3.65
C TYR A 8 24.59 0.64 5.05
N SER A 9 24.09 1.87 5.13
CA SER A 9 24.12 2.66 6.37
C SER A 9 23.16 2.10 7.40
N THR A 10 23.44 2.34 8.66
CA THR A 10 22.52 1.99 9.73
C THR A 10 21.24 2.82 9.59
N GLU A 11 21.31 4.01 9.06
CA GLU A 11 20.12 4.85 8.87
C GLU A 11 19.20 4.19 7.85
N VAL A 12 19.73 3.74 6.73
CA VAL A 12 18.89 3.07 5.71
C VAL A 12 18.34 1.77 6.30
N GLU A 13 19.14 1.01 6.99
CA GLU A 13 18.69 -0.27 7.56
C GLU A 13 17.48 -0.02 8.44
N ALA A 14 17.55 1.00 9.32
CA ALA A 14 16.44 1.27 10.24
C ALA A 14 15.24 1.76 9.47
N ALA A 15 15.43 2.61 8.49
CA ALA A 15 14.29 3.14 7.71
C ALA A 15 13.63 2.02 6.89
N VAL A 16 14.38 1.04 6.42
CA VAL A 16 13.79 -0.11 5.73
C VAL A 16 12.93 -0.87 6.71
N ASN A 17 13.40 -1.11 7.93
CA ASN A 17 12.55 -1.83 8.90
C ASN A 17 11.26 -1.04 9.18
N ARG A 18 11.35 0.26 9.28
CA ARG A 18 10.13 1.08 9.50
C ARG A 18 9.23 0.97 8.29
N LEU A 19 9.75 0.98 7.10
CA LEU A 19 8.90 0.90 5.91
C LEU A 19 8.26 -0.46 5.85
N VAL A 20 8.90 -1.53 6.24
CA VAL A 20 8.25 -2.85 6.30
C VAL A 20 7.05 -2.75 7.23
N ASN A 21 7.19 -2.14 8.35
CA ASN A 21 6.08 -1.99 9.29
C ASN A 21 4.96 -1.21 8.61
N LEU A 22 5.22 -0.15 7.89
CA LEU A 22 4.17 0.62 7.17
CA LEU A 22 4.18 0.63 7.20
C LEU A 22 3.50 -0.25 6.14
N TYR A 23 4.20 -1.01 5.39
CA TYR A 23 3.60 -1.85 4.34
C TYR A 23 2.76 -2.92 5.01
N LEU A 24 3.22 -3.56 6.08
CA LEU A 24 2.41 -4.58 6.75
C LEU A 24 1.20 -3.94 7.36
N ARG A 25 1.28 -2.78 7.93
CA ARG A 25 0.10 -2.08 8.46
C ARG A 25 -0.87 -1.83 7.31
N ALA A 26 -0.41 -1.40 6.16
CA ALA A 26 -1.26 -1.15 4.98
C ALA A 26 -1.93 -2.43 4.56
N SER A 27 -1.21 -3.54 4.53
CA SER A 27 -1.79 -4.82 4.17
C SER A 27 -2.91 -5.14 5.15
N TYR A 28 -2.72 -4.92 6.43
CA TYR A 28 -3.72 -5.25 7.46
C TYR A 28 -4.94 -4.36 7.25
N THR A 29 -4.76 -3.09 6.94
CA THR A 29 -5.87 -2.18 6.64
C THR A 29 -6.64 -2.71 5.43
N TYR A 30 -5.99 -3.11 4.38
CA TYR A 30 -6.71 -3.61 3.21
C TYR A 30 -7.38 -4.92 3.51
N LEU A 31 -6.86 -5.78 4.37
CA LEU A 31 -7.56 -6.99 4.80
C LEU A 31 -8.86 -6.59 5.46
N SER A 32 -8.86 -5.64 6.34
CA SER A 32 -10.06 -5.19 7.04
C SER A 32 -11.05 -4.60 6.02
N LEU A 33 -10.61 -3.76 5.12
CA LEU A 33 -11.48 -3.20 4.08
C LEU A 33 -12.12 -4.35 3.31
N GLY A 34 -11.40 -5.34 2.91
CA GLY A 34 -11.97 -6.39 2.06
C GLY A 34 -13.05 -7.11 2.83
N PHE A 35 -12.82 -7.53 4.05
CA PHE A 35 -13.84 -8.29 4.81
C PHE A 35 -15.01 -7.40 5.09
N TYR A 36 -14.87 -6.12 5.33
CA TYR A 36 -16.00 -5.23 5.52
C TYR A 36 -16.91 -5.25 4.29
N PHE A 37 -16.36 -5.16 3.11
CA PHE A 37 -17.23 -5.11 1.90
C PHE A 37 -17.82 -6.45 1.61
N HIS A 38 -17.44 -7.54 2.20
CA HIS A 38 -18.15 -8.81 2.01
C HIS A 38 -19.10 -9.08 3.14
N ARG A 39 -19.32 -8.22 4.08
CA ARG A 39 -20.42 -8.39 5.05
C ARG A 39 -21.74 -8.55 4.30
N ASP A 40 -22.67 -9.30 4.89
CA ASP A 40 -23.97 -9.45 4.23
C ASP A 40 -24.72 -8.15 4.19
N ASP A 41 -24.49 -7.18 5.00
CA ASP A 41 -25.16 -5.88 5.04
C ASP A 41 -24.37 -4.83 4.28
N VAL A 42 -23.35 -5.24 3.58
CA VAL A 42 -22.56 -4.32 2.69
C VAL A 42 -22.57 -4.94 1.28
N ALA A 43 -22.04 -6.10 1.13
CA ALA A 43 -22.30 -7.01 0.00
C ALA A 43 -21.90 -6.34 -1.31
N LEU A 44 -20.66 -5.94 -1.46
CA LEU A 44 -20.13 -5.36 -2.71
C LEU A 44 -18.93 -6.19 -3.09
N GLU A 45 -19.09 -7.28 -3.78
CA GLU A 45 -18.05 -8.24 -4.07
C GLU A 45 -16.90 -7.61 -4.81
N GLY A 46 -17.15 -6.79 -5.81
CA GLY A 46 -16.04 -6.18 -6.54
C GLY A 46 -15.19 -5.30 -5.64
N VAL A 47 -15.78 -4.69 -4.68
CA VAL A 47 -15.02 -3.80 -3.75
C VAL A 47 -14.20 -4.69 -2.83
N CYS A 48 -14.76 -5.75 -2.30
CA CYS A 48 -14.03 -6.73 -1.49
C CYS A 48 -12.82 -7.14 -2.30
N HIS A 49 -12.98 -7.56 -3.54
CA HIS A 49 -11.88 -8.13 -4.36
CA HIS A 49 -11.87 -8.12 -4.30
C HIS A 49 -10.80 -7.07 -4.57
N PHE A 50 -11.19 -5.86 -4.85
CA PHE A 50 -10.21 -4.77 -5.07
C PHE A 50 -9.32 -4.63 -3.83
N PHE A 51 -9.91 -4.56 -2.68
CA PHE A 51 -9.07 -4.36 -1.47
C PHE A 51 -8.37 -5.61 -1.07
N ARG A 52 -8.89 -6.78 -1.20
CA ARG A 52 -8.19 -8.00 -0.83
C ARG A 52 -6.97 -8.13 -1.71
N GLU A 53 -7.01 -7.78 -2.98
CA GLU A 53 -5.82 -7.83 -3.84
CA GLU A 53 -5.84 -7.78 -3.90
C GLU A 53 -4.79 -6.81 -3.36
N LEU A 54 -5.22 -5.66 -2.90
CA LEU A 54 -4.21 -4.68 -2.40
C LEU A 54 -3.60 -5.22 -1.11
N ALA A 55 -4.29 -5.94 -0.30
CA ALA A 55 -3.70 -6.52 0.92
C ALA A 55 -2.54 -7.42 0.50
N GLU A 56 -2.73 -8.21 -0.52
CA GLU A 56 -1.69 -9.12 -0.98
C GLU A 56 -0.53 -8.29 -1.56
N GLU A 57 -0.78 -7.27 -2.35
CA GLU A 57 0.29 -6.46 -2.94
C GLU A 57 1.11 -5.80 -1.84
N LYS A 58 0.52 -5.30 -0.77
CA LYS A 58 1.29 -4.62 0.26
C LYS A 58 2.10 -5.63 1.04
N ARG A 59 1.59 -6.82 1.28
CA ARG A 59 2.35 -7.93 1.91
CA ARG A 59 2.39 -7.85 1.98
C ARG A 59 3.57 -8.21 1.06
N GLU A 60 3.38 -8.36 -0.21
CA GLU A 60 4.48 -8.69 -1.15
C GLU A 60 5.49 -7.54 -1.14
N GLY A 61 5.08 -6.30 -1.04
CA GLY A 61 6.05 -5.19 -0.97
C GLY A 61 6.87 -5.28 0.30
N ALA A 62 6.26 -5.58 1.43
CA ALA A 62 7.01 -5.81 2.68
C ALA A 62 8.00 -6.96 2.52
N GLU A 63 7.62 -8.03 1.87
CA GLU A 63 8.52 -9.17 1.72
C GLU A 63 9.67 -8.82 0.80
N ARG A 64 9.46 -8.01 -0.20
CA ARG A 64 10.57 -7.62 -1.08
CA ARG A 64 10.55 -7.54 -1.11
C ARG A 64 11.54 -6.70 -0.32
N LEU A 65 11.06 -5.82 0.55
CA LEU A 65 11.95 -5.01 1.39
C LEU A 65 12.74 -5.92 2.32
N LEU A 66 12.11 -6.90 2.92
CA LEU A 66 12.82 -7.80 3.87
C LEU A 66 13.87 -8.62 3.13
N LYS A 67 13.58 -9.10 1.95
CA LYS A 67 14.59 -9.83 1.18
CA LYS A 67 14.58 -9.82 1.14
C LYS A 67 15.76 -8.89 0.87
N MET A 68 15.49 -7.68 0.50
CA MET A 68 16.57 -6.72 0.20
C MET A 68 17.37 -6.45 1.46
N GLN A 69 16.75 -6.29 2.59
CA GLN A 69 17.45 -6.07 3.87
C GLN A 69 18.46 -7.19 4.06
N ASN A 70 18.07 -8.42 3.86
CA ASN A 70 18.95 -9.60 4.00
CA ASN A 70 19.01 -9.55 4.03
C ASN A 70 20.04 -9.55 2.90
N GLN A 71 19.69 -9.21 1.68
CA GLN A 71 20.68 -9.22 0.59
CA GLN A 71 20.69 -9.21 0.58
C GLN A 71 21.76 -8.19 0.91
N ARG A 72 21.46 -7.10 1.56
CA ARG A 72 22.45 -6.05 1.88
C ARG A 72 23.18 -6.34 3.17
N GLY A 73 22.79 -7.35 3.95
CA GLY A 73 23.42 -7.63 5.21
C GLY A 73 22.88 -6.87 6.37
N GLY A 74 21.76 -6.18 6.24
CA GLY A 74 21.06 -5.63 7.38
C GLY A 74 20.28 -6.72 8.08
N ARG A 75 19.64 -6.32 9.16
CA ARG A 75 18.90 -7.27 10.02
C ARG A 75 17.46 -6.79 10.12
N ALA A 76 16.57 -7.65 9.70
CA ALA A 76 15.13 -7.39 9.84
C ALA A 76 14.79 -7.31 11.30
N LEU A 77 14.02 -6.31 11.65
CA LEU A 77 13.52 -6.16 13.01
C LEU A 77 12.05 -5.85 12.88
N PHE A 78 11.24 -6.60 13.55
CA PHE A 78 9.78 -6.44 13.47
C PHE A 78 9.25 -5.74 14.72
N GLN A 79 8.27 -4.92 14.50
CA GLN A 79 7.61 -4.24 15.59
C GLN A 79 6.16 -4.66 15.61
N ASP A 80 5.48 -4.24 16.69
CA ASP A 80 4.05 -4.47 16.80
C ASP A 80 3.38 -3.87 15.59
N LEU A 81 2.31 -4.47 15.15
CA LEU A 81 1.53 -4.02 13.99
CA LEU A 81 1.55 -3.92 14.01
C LEU A 81 0.24 -3.34 14.51
N GLN A 82 0.10 -2.05 14.36
CA GLN A 82 -1.12 -1.44 14.85
C GLN A 82 -2.31 -1.83 14.01
N LYS A 83 -3.45 -1.92 14.66
CA LYS A 83 -4.71 -2.26 13.96
C LYS A 83 -5.04 -1.12 13.02
N PRO A 84 -5.94 -1.41 12.04
CA PRO A 84 -6.37 -0.36 11.12
C PRO A 84 -7.13 0.74 11.85
N SER A 85 -7.22 1.88 11.20
CA SER A 85 -7.75 3.12 11.77
C SER A 85 -9.25 3.04 12.01
N GLN A 86 -9.98 2.18 11.29
CA GLN A 86 -11.46 2.06 11.43
CA GLN A 86 -11.46 2.07 11.41
C GLN A 86 -11.82 0.59 11.52
N ASP A 87 -12.94 0.32 12.16
CA ASP A 87 -13.53 -1.03 12.15
C ASP A 87 -14.59 -1.19 11.06
N GLU A 88 -15.20 -0.10 10.66
CA GLU A 88 -16.21 -0.08 9.58
C GLU A 88 -15.83 1.04 8.64
N TRP A 89 -16.01 0.85 7.34
CA TRP A 89 -15.36 1.72 6.33
C TRP A 89 -16.32 2.53 5.50
N GLY A 90 -17.60 2.53 5.81
CA GLY A 90 -18.56 3.44 5.16
C GLY A 90 -18.89 2.97 3.76
N THR A 91 -18.99 3.96 2.88
CA THR A 91 -19.35 3.69 1.50
C THR A 91 -18.12 3.31 0.69
N THR A 92 -18.28 2.84 -0.54
CA THR A 92 -17.15 2.65 -1.43
C THR A 92 -16.42 3.96 -1.58
N LEU A 93 -17.07 5.09 -1.66
CA LEU A 93 -16.40 6.39 -1.79
C LEU A 93 -15.55 6.63 -0.55
N ASP A 94 -16.08 6.44 0.64
CA ASP A 94 -15.31 6.66 1.86
C ASP A 94 -14.11 5.76 1.84
N ALA A 95 -14.25 4.53 1.45
CA ALA A 95 -13.17 3.56 1.47
C ALA A 95 -12.12 3.96 0.44
N MET A 96 -12.49 4.36 -0.75
CA MET A 96 -11.50 4.74 -1.79
C MET A 96 -10.78 6.02 -1.34
N LYS A 97 -11.42 6.93 -0.68
CA LYS A 97 -10.73 8.14 -0.17
C LYS A 97 -9.73 7.71 0.90
N ALA A 98 -10.08 6.77 1.78
CA ALA A 98 -9.13 6.32 2.82
C ALA A 98 -8.00 5.61 2.13
N ALA A 99 -8.21 4.87 1.08
CA ALA A 99 -7.16 4.13 0.41
C ALA A 99 -6.18 5.10 -0.23
N ILE A 100 -6.65 6.14 -0.86
CA ILE A 100 -5.69 7.04 -1.53
CA ILE A 100 -5.76 7.16 -1.51
C ILE A 100 -4.89 7.81 -0.46
N VAL A 101 -5.47 8.14 0.65
CA VAL A 101 -4.70 8.74 1.78
C VAL A 101 -3.63 7.75 2.19
N LEU A 102 -3.92 6.50 2.37
CA LEU A 102 -2.97 5.50 2.78
C LEU A 102 -1.88 5.38 1.72
N GLU A 103 -2.20 5.32 0.44
CA GLU A 103 -1.20 5.14 -0.60
C GLU A 103 -0.35 6.41 -0.67
N LYS A 104 -0.89 7.58 -0.53
CA LYS A 104 0.02 8.74 -0.59
CA LYS A 104 -0.10 8.85 -0.48
C LYS A 104 0.96 8.74 0.61
N SER A 105 0.57 8.19 1.75
CA SER A 105 1.49 8.08 2.89
C SER A 105 2.57 7.05 2.57
N LEU A 106 2.28 5.96 1.95
CA LEU A 106 3.30 5.00 1.55
C LEU A 106 4.23 5.64 0.54
N ASN A 107 3.68 6.35 -0.42
CA ASN A 107 4.50 7.00 -1.46
C ASN A 107 5.44 8.01 -0.82
N GLN A 108 4.95 8.79 0.12
CA GLN A 108 5.84 9.77 0.75
C GLN A 108 6.95 9.04 1.50
N ALA A 109 6.67 7.94 2.15
CA ALA A 109 7.70 7.17 2.86
C ALA A 109 8.71 6.62 1.88
N LEU A 110 8.28 6.16 0.72
CA LEU A 110 9.21 5.70 -0.34
C LEU A 110 10.09 6.86 -0.79
N LEU A 111 9.50 8.02 -1.03
CA LEU A 111 10.27 9.17 -1.49
C LEU A 111 11.26 9.57 -0.41
N ASP A 112 10.86 9.55 0.84
CA ASP A 112 11.77 9.90 1.93
C ASP A 112 12.92 8.91 1.99
N LEU A 113 12.66 7.63 1.83
CA LEU A 113 13.73 6.62 1.86
C LEU A 113 14.63 6.79 0.66
N HIS A 114 14.10 7.12 -0.52
CA HIS A 114 14.94 7.39 -1.69
C HIS A 114 15.84 8.59 -1.41
N ALA A 115 15.34 9.62 -0.80
CA ALA A 115 16.13 10.80 -0.50
C ALA A 115 17.23 10.42 0.49
N LEU A 116 16.94 9.60 1.49
CA LEU A 116 17.98 9.18 2.45
C LEU A 116 19.03 8.37 1.69
N GLY A 117 18.64 7.48 0.82
CA GLY A 117 19.62 6.70 0.07
C GLY A 117 20.45 7.59 -0.80
N SER A 118 19.89 8.59 -1.41
CA SER A 118 20.61 9.56 -2.25
CA SER A 118 20.66 9.49 -2.27
C SER A 118 21.64 10.25 -1.37
N ALA A 119 21.24 10.71 -0.22
CA ALA A 119 22.10 11.46 0.71
C ALA A 119 23.24 10.55 1.14
N GLN A 120 22.99 9.28 1.38
CA GLN A 120 23.98 8.27 1.84
C GLN A 120 24.76 7.75 0.62
N ALA A 121 24.58 8.20 -0.59
CA ALA A 121 25.23 7.66 -1.77
C ALA A 121 25.11 6.14 -1.80
N ASP A 122 23.85 5.68 -1.76
CA ASP A 122 23.52 4.23 -1.78
C ASP A 122 22.71 3.98 -3.06
N PRO A 123 23.37 3.81 -4.18
CA PRO A 123 22.66 3.68 -5.45
C PRO A 123 21.91 2.36 -5.57
N HIS A 124 22.35 1.30 -4.91
CA HIS A 124 21.58 0.06 -4.97
C HIS A 124 20.20 0.30 -4.33
N LEU A 125 20.15 0.97 -3.21
CA LEU A 125 18.85 1.25 -2.52
CA LEU A 125 18.84 1.21 -2.57
C LEU A 125 18.00 2.08 -3.47
N CYS A 126 18.54 3.15 -4.01
CA CYS A 126 17.77 4.05 -4.86
C CYS A 126 17.23 3.30 -6.04
N ASP A 127 18.02 2.51 -6.72
CA ASP A 127 17.57 1.71 -7.88
C ASP A 127 16.52 0.71 -7.43
N PHE A 128 16.68 0.06 -6.32
CA PHE A 128 15.69 -0.90 -5.81
C PHE A 128 14.31 -0.24 -5.70
N LEU A 129 14.26 0.92 -5.10
CA LEU A 129 12.97 1.62 -4.96
C LEU A 129 12.45 2.02 -6.32
N GLU A 130 13.27 2.58 -7.17
CA GLU A 130 12.83 3.06 -8.49
C GLU A 130 12.29 1.86 -9.24
N SER A 131 12.88 0.71 -9.17
CA SER A 131 12.58 -0.47 -10.01
C SER A 131 11.35 -1.21 -9.50
N HIS A 132 11.10 -1.26 -8.21
CA HIS A 132 10.05 -2.13 -7.67
C HIS A 132 8.95 -1.41 -6.93
N PHE A 133 9.10 -0.11 -6.65
CA PHE A 133 8.12 0.57 -5.80
C PHE A 133 7.58 1.87 -6.38
N LEU A 134 8.39 2.77 -6.89
CA LEU A 134 7.92 4.15 -7.15
C LEU A 134 6.89 4.14 -8.27
N ASP A 135 7.12 3.46 -9.36
CA ASP A 135 6.14 3.44 -10.47
C ASP A 135 4.93 2.63 -10.06
N GLU A 136 5.08 1.52 -9.32
CA GLU A 136 3.92 0.74 -8.82
CA GLU A 136 3.90 0.75 -8.87
C GLU A 136 3.01 1.67 -8.06
N GLU A 137 3.56 2.53 -7.23
CA GLU A 137 2.77 3.42 -6.42
C GLU A 137 2.09 4.48 -7.28
N VAL A 138 2.82 5.12 -8.21
CA VAL A 138 2.19 6.12 -9.08
C VAL A 138 1.05 5.45 -9.87
N LYS A 139 1.26 4.27 -10.38
CA LYS A 139 0.17 3.62 -11.14
C LYS A 139 -1.03 3.37 -10.27
N LEU A 140 -0.84 2.91 -9.05
CA LEU A 140 -1.97 2.59 -8.18
C LEU A 140 -2.67 3.86 -7.82
N ILE A 141 -2.00 4.93 -7.46
CA ILE A 141 -2.65 6.18 -7.06
C ILE A 141 -3.46 6.72 -8.26
N LYS A 142 -2.94 6.61 -9.46
CA LYS A 142 -3.70 7.06 -10.67
C LYS A 142 -4.97 6.23 -10.81
N LYS A 143 -4.89 4.94 -10.64
CA LYS A 143 -6.08 4.07 -10.70
CA LYS A 143 -6.08 4.09 -10.72
C LYS A 143 -7.09 4.48 -9.66
N MET A 144 -6.64 4.73 -8.42
CA MET A 144 -7.57 5.13 -7.37
C MET A 144 -8.18 6.45 -7.69
N GLY A 145 -7.42 7.41 -8.20
CA GLY A 145 -7.97 8.70 -8.59
C GLY A 145 -9.05 8.53 -9.71
N ASP A 146 -8.78 7.69 -10.66
CA ASP A 146 -9.77 7.39 -11.72
C ASP A 146 -11.03 6.83 -11.08
N HIS A 147 -10.87 5.87 -10.18
CA HIS A 147 -12.05 5.30 -9.49
C HIS A 147 -12.76 6.37 -8.71
N LEU A 148 -12.09 7.22 -7.96
CA LEU A 148 -12.76 8.27 -7.16
CA LEU A 148 -12.76 8.22 -7.17
C LEU A 148 -13.61 9.11 -8.09
N THR A 149 -13.05 9.54 -9.22
CA THR A 149 -13.82 10.40 -10.15
C THR A 149 -15.08 9.68 -10.62
N ASN A 150 -15.00 8.44 -10.97
CA ASN A 150 -16.15 7.67 -11.46
C ASN A 150 -17.15 7.46 -10.32
N ILE A 151 -16.71 7.15 -9.11
CA ILE A 151 -17.65 6.99 -7.99
C ILE A 151 -18.34 8.29 -7.77
N GLN A 152 -17.65 9.42 -7.75
CA GLN A 152 -18.22 10.74 -7.47
C GLN A 152 -19.23 11.07 -8.57
N ARG A 153 -18.97 10.77 -9.81
CA ARG A 153 -19.91 11.05 -10.92
CA ARG A 153 -19.98 11.15 -10.86
C ARG A 153 -21.22 10.28 -10.69
N LEU A 154 -21.15 9.12 -10.06
CA LEU A 154 -22.32 8.20 -9.89
C LEU A 154 -23.13 8.50 -8.68
N VAL A 155 -22.74 9.40 -7.83
CA VAL A 155 -23.56 9.62 -6.62
C VAL A 155 -24.88 10.27 -7.02
N GLY A 156 -24.82 11.39 -7.75
CA GLY A 156 -26.04 12.06 -8.23
C GLY A 156 -27.03 12.24 -7.08
N SER A 157 -28.29 11.83 -7.28
CA SER A 157 -29.37 11.84 -6.26
C SER A 157 -29.73 10.39 -5.86
N GLN A 158 -29.09 9.40 -6.52
CA GLN A 158 -29.36 7.95 -6.35
CA GLN A 158 -29.37 7.96 -6.28
C GLN A 158 -28.05 7.27 -5.90
N ALA A 159 -27.61 7.48 -4.66
CA ALA A 159 -26.30 6.97 -4.17
C ALA A 159 -26.25 5.45 -4.23
N GLY A 160 -27.30 4.73 -3.80
CA GLY A 160 -27.26 3.27 -3.80
C GLY A 160 -27.13 2.72 -5.22
N LEU A 161 -27.89 3.28 -6.16
CA LEU A 161 -27.80 2.91 -7.57
C LEU A 161 -26.38 3.07 -8.08
N GLY A 162 -25.84 4.24 -7.80
CA GLY A 162 -24.47 4.52 -8.27
C GLY A 162 -23.47 3.57 -7.66
N GLU A 163 -23.61 3.25 -6.38
CA GLU A 163 -22.65 2.34 -5.74
C GLU A 163 -22.71 0.96 -6.34
N TYR A 164 -23.95 0.48 -6.59
CA TYR A 164 -24.14 -0.81 -7.25
C TYR A 164 -23.49 -0.84 -8.64
N LEU A 165 -23.84 0.23 -9.43
CA LEU A 165 -23.38 0.22 -10.81
C LEU A 165 -21.85 0.29 -10.90
N PHE A 166 -21.22 1.08 -10.02
CA PHE A 166 -19.74 1.12 -10.05
C PHE A 166 -19.12 -0.27 -9.77
N GLU A 167 -19.68 -0.94 -8.75
CA GLU A 167 -19.20 -2.24 -8.38
C GLU A 167 -19.39 -3.24 -9.52
N ARG A 168 -20.56 -3.17 -10.16
CA ARG A 168 -20.91 -4.12 -11.22
C ARG A 168 -20.12 -3.87 -12.51
N LEU A 169 -19.99 -2.60 -12.86
CA LEU A 169 -19.51 -2.27 -14.24
C LEU A 169 -18.07 -1.76 -14.29
N THR A 170 -17.47 -1.39 -13.16
CA THR A 170 -16.03 -1.06 -13.16
C THR A 170 -15.22 -2.16 -12.46
N LEU A 171 -15.66 -2.57 -11.25
CA LEU A 171 -14.83 -3.49 -10.44
C LEU A 171 -15.09 -4.95 -10.85
N LYS A 172 -14.11 -5.79 -10.55
CA LYS A 172 -14.00 -7.17 -11.12
C LYS A 172 -14.72 -8.11 -10.15
N HIS A 173 -15.68 -8.93 -10.63
CA HIS A 173 -16.48 -9.86 -9.78
C HIS A 173 -16.71 -11.19 -10.52
IR1 RIR B . -14.59 -11.38 -0.56
C17 RIR B . -13.03 -12.16 0.61
C18 RIR B . -14.28 -12.47 1.27
C19 RIR B . -15.05 -13.23 0.39
C20 RIR B . -14.19 -13.47 -0.67
C21 RIR B . -13.00 -12.82 -0.53
C22 RIR B . -11.73 -11.48 1.10
C23 RIR B . -14.87 -11.93 2.57
C24 RIR B . -16.38 -14.00 0.72
C25 RIR B . -14.31 -14.41 -1.86
C26 RIR B . -11.88 -12.82 -1.59
C1 EDO C . -22.66 0.48 3.05
C1 EDO C . -21.92 0.31 2.97
O1 EDO C . -23.03 -0.81 2.57
O1 EDO C . -23.25 -0.22 3.09
C2 EDO C . -21.83 1.20 2.07
C2 EDO C . -21.65 0.65 1.56
O2 EDO C . -20.86 0.38 1.45
O2 EDO C . -22.38 1.82 1.22
C1 EDO D . 17.98 8.67 8.92
O1 EDO D . 16.59 8.47 9.05
C2 EDO D . 18.36 10.09 8.78
O2 EDO D . 19.75 10.30 8.71
S SO4 E . 31.69 0.26 3.67
O1 SO4 E . 32.75 -0.58 3.13
O2 SO4 E . 30.56 -0.57 3.97
O3 SO4 E . 31.25 1.25 2.75
O4 SO4 E . 32.12 0.89 4.94
S SO4 F . -0.95 -9.52 6.66
O1 SO4 F . 0.17 -10.33 7.05
O2 SO4 F . -0.87 -9.33 5.23
O3 SO4 F . -2.19 -10.20 6.97
O4 SO4 F . -0.89 -8.27 7.42
CD CD G . 4.59 -5.45 21.83
CD CD H . 16.62 2.05 -13.28
CD CD I . 18.19 5.30 -11.44
CD CD J . 17.40 6.73 -11.21
CD CD K . 3.63 -4.77 21.46
CL CL L . 4.65 -7.85 22.45
IR IR M . 18.39 8.31 -7.17
IR IR N . -13.91 -11.82 -1.52
IR IR O . -20.99 -9.93 -14.93
IR IR P . -9.21 -10.05 -10.29
#